data_4CMT
#
_entry.id   4CMT
#
_cell.length_a   51.793
_cell.length_b   57.431
_cell.length_c   105.120
_cell.angle_alpha   90.00
_cell.angle_beta   90.00
_cell.angle_gamma   90.00
#
_symmetry.space_group_name_H-M   'P 21 21 21'
#
loop_
_entity.id
_entity.type
_entity.pdbx_description
1 polymer 'ALK TYROSINE KINASE RECEPTOR'
2 non-polymer 3-{(1R)-1-[2-(1,3-dihydro-2H-1,2,3-triazol-2-yl)-5-fluorophenyl]ethoxy}-5-[3-(methylsulfonyl)phenyl]pyridin-2-amine
3 water water
#
_entity_poly.entity_id   1
_entity_poly.type   'polypeptide(L)'
_entity_poly.pdbx_seq_one_letter_code
;MAHHHHHHNPNYCFAGKTSSISDLKEVPRKNITLIRGLGHGAFGEVYEGQVSGMPNDPSPLQVAVKTLPEVCSEQDELDF
LMEALIISKFNHQNIVRCIGVSLQSLPRFILLELMAGGDLKSFLRETRPRPSQPSSLAMLDLLHVARDIACGCQYLEENH
FIHRDIAARNCLLTCPGPGRVAKIGDFGMARDIYRASYYRKGGCAMLPVKWMPPEAFMEGIFTSKTDTWSFGVLLWEIFS
LGYMPYPSKSNQEVLEFVTSGGRMDPPKNCPGPVYRIMTQCWQHQPEDRPNFAIILERIEYCTQDPDVINTALPIEYGPL
VEEEEKV
;
_entity_poly.pdbx_strand_id   A
#
loop_
_chem_comp.id
_chem_comp.type
_chem_comp.name
_chem_comp.formula
GWH non-polymer 3-{(1R)-1-[2-(1,3-dihydro-2H-1,2,3-triazol-2-yl)-5-fluorophenyl]ethoxy}-5-[3-(methylsulfonyl)phenyl]pyridin-2-amine 'C22 H22 F N5 O3 S'
#
# COMPACT_ATOMS: atom_id res chain seq x y z
N ASN A 9 -11.47 11.28 24.23
CA ASN A 9 -10.62 11.13 23.02
C ASN A 9 -9.61 9.99 23.18
N PRO A 10 -9.77 8.93 22.37
CA PRO A 10 -8.90 7.74 22.45
C PRO A 10 -7.46 8.02 22.08
N ASN A 11 -6.53 7.32 22.73
CA ASN A 11 -5.11 7.49 22.47
C ASN A 11 -4.62 6.55 21.37
N TYR A 12 -3.47 6.88 20.80
CA TYR A 12 -2.81 6.02 19.82
C TYR A 12 -1.34 5.88 20.18
N CYS A 13 -0.84 4.65 20.15
CA CYS A 13 0.57 4.39 20.43
C CYS A 13 1.29 3.85 19.21
N PHE A 14 2.37 4.51 18.80
CA PHE A 14 3.25 4.04 17.73
C PHE A 14 4.69 4.24 18.16
N ALA A 15 5.49 3.18 18.03
CA ALA A 15 6.88 3.24 18.43
C ALA A 15 7.00 3.67 19.89
N GLY A 16 6.08 3.19 20.72
CA GLY A 16 6.14 3.47 22.14
C GLY A 16 5.88 4.92 22.53
N LYS A 17 5.38 5.72 21.58
CA LYS A 17 4.97 7.09 21.86
C LYS A 17 3.45 7.22 21.77
N THR A 18 2.87 8.00 22.68
CA THR A 18 1.42 8.11 22.75
C THR A 18 0.96 9.48 22.27
N SER A 19 -0.01 9.49 21.35
CA SER A 19 -0.57 10.74 20.87
C SER A 19 -2.09 10.72 20.96
N SER A 20 -2.70 11.89 20.85
CA SER A 20 -4.15 12.01 20.96
C SER A 20 -4.64 13.03 19.93
N ILE A 21 -5.97 13.14 19.80
CA ILE A 21 -6.55 14.05 18.83
C ILE A 21 -5.92 15.43 18.95
N SER A 22 -5.53 15.80 20.17
CA SER A 22 -4.96 17.12 20.41
C SER A 22 -3.64 17.33 19.67
N ASP A 23 -2.98 16.25 19.31
CA ASP A 23 -1.70 16.33 18.62
C ASP A 23 -1.85 16.54 17.12
N LEU A 24 -3.03 16.28 16.59
CA LEU A 24 -3.29 16.47 15.16
C LEU A 24 -3.25 17.96 14.82
N LYS A 25 -2.73 18.28 13.64
CA LYS A 25 -2.67 19.67 13.20
C LYS A 25 -4.01 20.06 12.59
N GLU A 26 -4.79 20.83 13.33
CA GLU A 26 -6.08 21.29 12.85
C GLU A 26 -5.90 22.47 11.91
N VAL A 27 -6.34 22.29 10.67
CA VAL A 27 -6.26 23.34 9.66
C VAL A 27 -7.59 24.07 9.61
N PRO A 28 -7.56 25.42 9.66
CA PRO A 28 -8.81 26.18 9.63
C PRO A 28 -9.64 25.88 8.38
N ARG A 29 -10.91 25.56 8.58
CA ARG A 29 -11.78 25.14 7.49
C ARG A 29 -11.81 26.19 6.38
N LYS A 30 -11.79 27.47 6.76
CA LYS A 30 -11.83 28.55 5.79
C LYS A 30 -10.62 28.54 4.86
N ASN A 31 -9.55 27.88 5.27
CA ASN A 31 -8.34 27.81 4.46
C ASN A 31 -8.35 26.65 3.46
N ILE A 32 -9.41 25.84 3.50
CA ILE A 32 -9.48 24.63 2.69
C ILE A 32 -10.50 24.76 1.57
N THR A 33 -10.08 24.48 0.35
CA THR A 33 -10.97 24.52 -0.81
C THR A 33 -10.95 23.20 -1.57
N LEU A 34 -12.14 22.68 -1.86
CA LEU A 34 -12.26 21.46 -2.67
C LEU A 34 -12.26 21.82 -4.16
N ILE A 35 -11.58 20.99 -4.96
CA ILE A 35 -11.45 21.26 -6.39
C ILE A 35 -12.27 20.29 -7.23
N ARG A 36 -12.12 19.01 -6.96
CA ARG A 36 -12.85 17.98 -7.71
C ARG A 36 -12.77 16.64 -6.98
N GLY A 37 -13.64 15.71 -7.38
CA GLY A 37 -13.61 14.39 -6.80
C GLY A 37 -12.45 13.57 -7.34
N LEU A 38 -12.03 12.57 -6.57
CA LEU A 38 -10.97 11.66 -7.01
C LEU A 38 -11.50 10.23 -6.92
N GLY A 39 -12.75 10.09 -6.51
CA GLY A 39 -13.32 8.78 -6.29
C GLY A 39 -13.43 8.51 -4.80
N HIS A 40 -13.94 7.34 -4.44
CA HIS A 40 -14.04 6.96 -3.03
C HIS A 40 -13.74 5.48 -2.85
N GLY A 44 -15.63 6.78 2.43
CA GLY A 44 -16.27 8.02 2.01
C GLY A 44 -15.60 8.59 0.79
N GLU A 45 -15.93 9.83 0.45
CA GLU A 45 -15.44 10.46 -0.78
C GLU A 45 -14.07 11.10 -0.57
N VAL A 46 -13.29 11.18 -1.64
CA VAL A 46 -12.00 11.85 -1.58
C VAL A 46 -11.95 12.91 -2.67
N TYR A 47 -11.42 14.08 -2.32
CA TYR A 47 -11.37 15.22 -3.23
C TYR A 47 -9.95 15.71 -3.38
N GLU A 48 -9.64 16.27 -4.54
CA GLU A 48 -8.46 17.12 -4.68
C GLU A 48 -8.79 18.47 -4.07
N GLY A 49 -7.87 19.01 -3.29
CA GLY A 49 -8.11 20.28 -2.64
C GLY A 49 -6.90 21.18 -2.57
N GLN A 50 -7.10 22.37 -2.00
CA GLN A 50 -6.00 23.30 -1.74
C GLN A 50 -6.11 23.85 -0.34
N VAL A 51 -4.97 24.08 0.30
CA VAL A 51 -4.94 24.71 1.62
C VAL A 51 -4.17 26.01 1.57
N SER A 52 -3.03 26.01 1.02
N PRO A 60 -0.08 27.80 -2.77
CA PRO A 60 -1.05 26.97 -2.01
C PRO A 60 -0.70 25.48 -2.11
N LEU A 61 -0.87 24.75 -1.02
CA LEU A 61 -0.56 23.33 -0.98
C LEU A 61 -1.67 22.50 -1.62
N GLN A 62 -1.30 21.61 -2.52
CA GLN A 62 -2.24 20.66 -3.12
C GLN A 62 -2.46 19.51 -2.16
N VAL A 63 -3.71 19.12 -1.97
CA VAL A 63 -4.03 18.08 -1.02
C VAL A 63 -5.06 17.10 -1.57
N ALA A 64 -5.01 15.86 -1.09
CA ALA A 64 -6.14 14.96 -1.21
C ALA A 64 -6.94 15.03 0.09
N VAL A 65 -8.25 15.23 -0.04
CA VAL A 65 -9.09 15.45 1.12
C VAL A 65 -10.00 14.24 1.33
N LYS A 66 -9.74 13.50 2.39
CA LYS A 66 -10.62 12.40 2.76
C LYS A 66 -11.71 12.91 3.68
N THR A 67 -12.96 12.57 3.37
CA THR A 67 -14.08 13.10 4.14
C THR A 67 -14.77 12.01 4.94
N LEU A 68 -15.34 12.42 6.08
CA LEU A 68 -16.17 11.56 6.90
C LEU A 68 -17.63 11.92 6.64
N PRO A 69 -18.44 10.96 6.19
CA PRO A 69 -19.86 11.25 6.00
C PRO A 69 -20.49 11.78 7.28
N GLU A 70 -21.27 12.85 7.17
CA GLU A 70 -21.93 13.42 8.34
C GLU A 70 -22.93 12.42 8.91
N VAL A 71 -23.48 11.59 8.04
CA VAL A 71 -24.37 10.52 8.47
C VAL A 71 -23.54 9.26 8.74
N CYS A 72 -23.11 9.11 9.99
CA CYS A 72 -22.26 8.00 10.38
C CYS A 72 -22.50 7.64 11.83
N SER A 73 -22.05 6.45 12.23
CA SER A 73 -22.14 6.02 13.61
C SER A 73 -20.99 6.60 14.42
N GLU A 74 -21.11 6.54 15.75
CA GLU A 74 -20.05 7.01 16.64
C GLU A 74 -18.80 6.16 16.41
N GLN A 75 -18.99 4.96 15.89
CA GLN A 75 -17.88 4.06 15.59
C GLN A 75 -17.12 4.52 14.36
N ASP A 76 -17.87 4.96 13.34
CA ASP A 76 -17.27 5.49 12.12
C ASP A 76 -16.39 6.68 12.47
N GLU A 77 -16.83 7.46 13.45
CA GLU A 77 -16.13 8.68 13.81
C GLU A 77 -14.84 8.35 14.55
N LEU A 78 -14.88 7.30 15.36
CA LEU A 78 -13.69 6.84 16.06
C LEU A 78 -12.68 6.25 15.07
N ASP A 79 -13.20 5.52 14.07
CA ASP A 79 -12.35 4.96 13.02
C ASP A 79 -11.63 6.07 12.27
N PHE A 80 -12.35 7.15 11.98
CA PHE A 80 -11.81 8.26 11.21
C PHE A 80 -10.70 8.96 12.01
N LEU A 81 -10.97 9.18 13.28
CA LEU A 81 -9.99 9.79 14.17
C LEU A 81 -8.72 8.95 14.25
N MET A 82 -8.89 7.63 14.35
CA MET A 82 -7.75 6.75 14.52
C MET A 82 -6.91 6.70 13.25
N GLU A 83 -7.57 6.76 12.10
CA GLU A 83 -6.85 6.80 10.84
C GLU A 83 -5.96 8.05 10.78
N ALA A 84 -6.50 9.16 11.23
CA ALA A 84 -5.77 10.43 11.26
C ALA A 84 -4.53 10.31 12.15
N LEU A 85 -4.69 9.74 13.33
CA LEU A 85 -3.58 9.58 14.26
C LEU A 85 -2.49 8.68 13.66
N ILE A 86 -2.91 7.57 13.07
CA ILE A 86 -1.95 6.62 12.51
C ILE A 86 -1.07 7.27 11.45
N ILE A 87 -1.69 7.92 10.47
CA ILE A 87 -0.90 8.47 9.37
C ILE A 87 -0.04 9.65 9.84
N SER A 88 -0.59 10.49 10.70
CA SER A 88 0.14 11.66 11.18
C SER A 88 1.40 11.29 11.95
N LYS A 89 1.41 10.11 12.56
CA LYS A 89 2.55 9.71 13.38
C LYS A 89 3.69 9.02 12.60
N PHE A 90 3.42 8.62 11.36
CA PHE A 90 4.48 8.10 10.51
C PHE A 90 5.38 9.24 10.00
N ASN A 91 6.66 8.92 9.80
CA ASN A 91 7.60 9.84 9.18
C ASN A 91 8.55 9.07 8.27
N HIS A 92 8.16 8.91 7.01
CA HIS A 92 9.00 8.22 6.05
C HIS A 92 8.64 8.61 4.62
N GLN A 93 9.64 8.66 3.75
CA GLN A 93 9.42 9.19 2.41
C GLN A 93 8.54 8.29 1.55
N ASN A 94 8.38 7.03 1.94
CA ASN A 94 7.52 6.13 1.18
C ASN A 94 6.19 5.85 1.87
N ILE A 95 5.81 6.74 2.77
CA ILE A 95 4.47 6.71 3.35
C ILE A 95 3.83 8.08 3.16
N VAL A 96 2.60 8.09 2.64
CA VAL A 96 1.93 9.35 2.30
C VAL A 96 1.92 10.27 3.53
N ARG A 97 2.21 11.55 3.31
CA ARG A 97 2.18 12.53 4.40
C ARG A 97 0.77 12.98 4.72
N CYS A 98 0.53 13.29 5.99
CA CYS A 98 -0.70 13.97 6.40
C CYS A 98 -0.37 15.43 6.68
N ILE A 99 -0.96 16.31 5.89
CA ILE A 99 -0.76 17.75 6.05
C ILE A 99 -1.47 18.26 7.30
N GLY A 100 -2.60 17.62 7.61
CA GLY A 100 -3.33 17.99 8.81
C GLY A 100 -4.75 17.43 8.78
N VAL A 101 -5.61 17.97 9.62
CA VAL A 101 -7.00 17.54 9.65
C VAL A 101 -7.89 18.77 9.78
N SER A 102 -9.18 18.60 9.47
CA SER A 102 -10.18 19.58 9.85
C SER A 102 -11.32 18.83 10.52
N LEU A 103 -11.22 18.67 11.84
CA LEU A 103 -12.16 17.84 12.58
C LEU A 103 -13.21 18.68 13.31
N GLN A 104 -13.00 19.99 13.34
CA GLN A 104 -13.86 20.89 14.11
C GLN A 104 -14.95 21.52 13.25
N SER A 105 -15.04 21.07 12.00
CA SER A 105 -16.17 21.41 11.15
C SER A 105 -16.69 20.14 10.47
N LEU A 106 -17.92 20.19 9.99
CA LEU A 106 -18.55 19.05 9.33
C LEU A 106 -18.80 19.38 7.86
N PRO A 107 -18.58 18.41 6.95
CA PRO A 107 -18.02 17.08 7.24
C PRO A 107 -16.55 17.17 7.63
N ARG A 108 -16.10 16.24 8.46
CA ARG A 108 -14.72 16.24 8.91
C ARG A 108 -13.74 15.80 7.82
N PHE A 109 -12.57 16.41 7.80
CA PHE A 109 -11.57 16.16 6.76
C PHE A 109 -10.28 15.59 7.34
N ILE A 110 -9.68 14.67 6.59
CA ILE A 110 -8.25 14.38 6.72
C ILE A 110 -7.53 14.82 5.46
N LEU A 111 -6.47 15.60 5.63
CA LEU A 111 -5.76 16.20 4.51
C LEU A 111 -4.46 15.45 4.23
N LEU A 112 -4.38 14.82 3.06
CA LEU A 112 -3.19 14.05 2.68
C LEU A 112 -2.39 14.70 1.56
N GLU A 113 -1.09 14.40 1.53
CA GLU A 113 -0.23 14.64 0.37
C GLU A 113 -0.98 14.22 -0.90
N LEU A 114 -1.11 15.13 -1.86
CA LEU A 114 -1.77 14.79 -3.12
C LEU A 114 -0.81 14.03 -4.02
N MET A 115 -1.15 12.76 -4.29
CA MET A 115 -0.31 11.92 -5.11
C MET A 115 -0.84 11.93 -6.53
N ALA A 116 -0.25 12.77 -7.36
CA ALA A 116 -0.81 13.10 -8.67
C ALA A 116 -0.78 11.90 -9.62
N GLY A 117 -0.03 10.88 -9.25
CA GLY A 117 0.05 9.69 -10.07
C GLY A 117 -1.08 8.71 -9.83
N GLY A 118 -1.85 8.96 -8.77
CA GLY A 118 -2.99 8.10 -8.47
C GLY A 118 -2.59 6.78 -7.84
N ASP A 119 -3.54 5.86 -7.72
CA ASP A 119 -3.27 4.58 -7.08
C ASP A 119 -2.49 3.66 -8.02
N LEU A 120 -1.69 2.79 -7.44
CA LEU A 120 -0.76 1.98 -8.22
C LEU A 120 -1.46 0.97 -9.12
N LYS A 121 -2.54 0.36 -8.62
CA LYS A 121 -3.22 -0.66 -9.42
C LYS A 121 -3.74 -0.05 -10.73
N SER A 122 -4.41 1.10 -10.64
CA SER A 122 -4.96 1.71 -11.82
C SER A 122 -3.86 2.24 -12.73
N PHE A 123 -2.78 2.72 -12.14
CA PHE A 123 -1.63 3.18 -12.92
C PHE A 123 -1.06 2.07 -13.78
N LEU A 124 -0.90 0.88 -13.19
CA LEU A 124 -0.35 -0.25 -13.92
C LEU A 124 -1.23 -0.63 -15.09
N ARG A 125 -2.54 -0.64 -14.86
CA ARG A 125 -3.49 -0.99 -15.90
C ARG A 125 -3.44 0.04 -17.03
N GLU A 126 -3.37 1.30 -16.66
CA GLU A 126 -3.47 2.39 -17.63
C GLU A 126 -2.16 2.68 -18.38
N THR A 127 -1.04 2.29 -17.80
CA THR A 127 0.26 2.69 -18.34
C THR A 127 1.02 1.51 -18.96
N ARG A 128 0.38 0.34 -19.02
CA ARG A 128 1.05 -0.84 -19.54
C ARG A 128 1.33 -0.67 -21.03
N PRO A 129 2.47 -1.20 -21.48
CA PRO A 129 2.92 -1.04 -22.87
C PRO A 129 1.88 -1.48 -23.90
N ARG A 130 1.73 -0.67 -24.95
CA ARG A 130 0.82 -0.97 -26.04
C ARG A 130 1.40 -0.38 -27.32
N PRO A 131 0.85 -0.76 -28.49
CA PRO A 131 1.37 -0.24 -29.76
C PRO A 131 1.37 1.28 -29.80
N SER A 132 0.63 1.89 -28.88
CA SER A 132 0.58 3.35 -28.77
C SER A 132 1.74 3.89 -27.94
N GLN A 133 1.84 5.12 -27.81
N SER A 136 3.99 3.98 -21.69
CA SER A 136 5.17 3.09 -21.81
C SER A 136 5.81 2.83 -20.45
N LEU A 137 6.30 1.61 -20.26
CA LEU A 137 6.90 1.21 -19.00
C LEU A 137 8.04 0.23 -19.28
N ALA A 138 9.04 0.22 -18.42
CA ALA A 138 10.12 -0.76 -18.52
C ALA A 138 10.29 -1.49 -17.19
N MET A 139 11.11 -2.53 -17.19
CA MET A 139 11.32 -3.33 -15.99
C MET A 139 11.85 -2.47 -14.85
N LEU A 140 12.66 -1.46 -15.20
CA LEU A 140 13.24 -0.60 -14.18
C LEU A 140 12.17 0.23 -13.47
N ASP A 141 11.17 0.68 -14.21
CA ASP A 141 10.05 1.40 -13.60
C ASP A 141 9.39 0.55 -12.52
N LEU A 142 9.20 -0.72 -12.83
CA LEU A 142 8.56 -1.65 -11.92
C LEU A 142 9.45 -1.94 -10.71
N LEU A 143 10.73 -2.13 -10.96
CA LEU A 143 11.66 -2.40 -9.87
C LEU A 143 11.77 -1.19 -8.94
N HIS A 144 11.65 0.01 -9.50
CA HIS A 144 11.69 1.21 -8.66
C HIS A 144 10.44 1.32 -7.78
N VAL A 145 9.29 1.02 -8.34
CA VAL A 145 8.07 0.97 -7.54
C VAL A 145 8.22 -0.06 -6.42
N ALA A 146 8.71 -1.25 -6.76
CA ALA A 146 8.87 -2.32 -5.77
C ALA A 146 9.83 -1.90 -4.64
N ARG A 147 10.96 -1.31 -5.02
CA ARG A 147 11.92 -0.84 -4.03
C ARG A 147 11.29 0.19 -3.11
N ASP A 148 10.55 1.15 -3.69
CA ASP A 148 9.91 2.22 -2.92
C ASP A 148 9.00 1.66 -1.84
N ILE A 149 8.14 0.72 -2.22
CA ILE A 149 7.19 0.18 -1.27
C ILE A 149 7.90 -0.69 -0.24
N ALA A 150 8.90 -1.45 -0.69
CA ALA A 150 9.69 -2.27 0.23
C ALA A 150 10.37 -1.40 1.29
N CYS A 151 10.80 -0.21 0.90
CA CYS A 151 11.44 0.69 1.84
C CYS A 151 10.41 1.17 2.88
N GLY A 152 9.20 1.48 2.43
CA GLY A 152 8.13 1.83 3.34
C GLY A 152 7.79 0.68 4.28
N CYS A 153 7.77 -0.54 3.74
CA CYS A 153 7.49 -1.71 4.57
C CYS A 153 8.58 -1.95 5.60
N GLN A 154 9.83 -1.71 5.20
CA GLN A 154 10.96 -1.87 6.10
C GLN A 154 10.83 -0.90 7.27
N TYR A 155 10.42 0.32 6.97
CA TYR A 155 10.16 1.33 8.00
C TYR A 155 9.08 0.85 8.96
N LEU A 156 8.00 0.31 8.42
CA LEU A 156 6.95 -0.22 9.28
C LEU A 156 7.47 -1.39 10.12
N GLU A 157 8.22 -2.29 9.49
CA GLU A 157 8.76 -3.46 10.20
C GLU A 157 9.67 -3.03 11.35
N GLU A 158 10.59 -2.11 11.08
CA GLU A 158 11.54 -1.70 12.11
C GLU A 158 10.85 -0.95 13.24
N ASN A 159 9.65 -0.43 12.98
CA ASN A 159 8.84 0.21 14.03
C ASN A 159 7.72 -0.68 14.55
N HIS A 160 7.77 -1.96 14.19
CA HIS A 160 6.88 -2.98 14.73
C HIS A 160 5.40 -2.73 14.42
N PHE A 161 5.15 -2.14 13.26
CA PHE A 161 3.79 -1.90 12.81
C PHE A 161 3.47 -2.87 11.68
N ILE A 162 2.37 -3.61 11.81
CA ILE A 162 2.00 -4.59 10.80
C ILE A 162 0.89 -4.00 9.96
N HIS A 163 1.13 -3.88 8.65
CA HIS A 163 0.18 -3.18 7.80
C HIS A 163 -1.09 -3.99 7.54
N ARG A 164 -0.90 -5.28 7.29
CA ARG A 164 -2.01 -6.22 7.16
C ARG A 164 -2.74 -6.19 5.82
N ASP A 165 -2.42 -5.22 4.96
CA ASP A 165 -3.09 -5.16 3.65
C ASP A 165 -2.19 -4.53 2.59
N ILE A 166 -0.96 -5.01 2.49
CA ILE A 166 -0.04 -4.52 1.47
C ILE A 166 -0.46 -5.05 0.10
N ALA A 167 -0.97 -4.14 -0.73
CA ALA A 167 -1.53 -4.49 -2.02
C ALA A 167 -1.51 -3.26 -2.93
N ALA A 168 -1.56 -3.47 -4.23
CA ALA A 168 -1.38 -2.38 -5.18
C ALA A 168 -2.43 -1.30 -4.99
N ARG A 169 -3.64 -1.71 -4.60
CA ARG A 169 -4.75 -0.78 -4.44
C ARG A 169 -4.51 0.20 -3.29
N ASN A 170 -3.58 -0.12 -2.40
CA ASN A 170 -3.30 0.71 -1.24
C ASN A 170 -2.02 1.52 -1.41
N CYS A 171 -1.48 1.54 -2.62
CA CYS A 171 -0.27 2.32 -2.92
C CYS A 171 -0.55 3.46 -3.89
N LEU A 172 0.18 4.55 -3.72
CA LEU A 172 0.00 5.75 -4.53
C LEU A 172 1.31 6.15 -5.21
N LEU A 173 1.21 6.94 -6.28
CA LEU A 173 2.38 7.43 -7.00
C LEU A 173 2.40 8.95 -7.02
N THR A 174 3.59 9.54 -6.85
CA THR A 174 3.68 11.00 -6.80
C THR A 174 3.33 11.65 -8.14
N CYS A 175 3.67 10.98 -9.22
CA CYS A 175 3.39 11.52 -10.56
C CYS A 175 3.47 10.41 -11.61
N PRO A 176 2.80 10.60 -12.75
CA PRO A 176 2.76 9.61 -13.84
C PRO A 176 4.14 9.30 -14.43
N GLY A 177 5.04 10.29 -14.40
CA GLY A 177 6.28 10.19 -15.15
C GLY A 177 7.41 9.45 -14.46
N PRO A 178 8.57 9.31 -15.13
CA PRO A 178 9.70 8.49 -14.68
C PRO A 178 10.21 8.80 -13.28
N GLY A 179 10.06 10.05 -12.84
CA GLY A 179 10.53 10.43 -11.53
C GLY A 179 9.58 10.05 -10.42
N ARG A 180 8.55 9.27 -10.76
CA ARG A 180 7.52 8.93 -9.77
C ARG A 180 8.12 8.23 -8.57
N VAL A 181 7.53 8.46 -7.41
CA VAL A 181 7.88 7.73 -6.20
C VAL A 181 6.63 7.03 -5.68
N ALA A 182 6.77 5.78 -5.27
CA ALA A 182 5.64 5.03 -4.77
C ALA A 182 5.61 5.09 -3.24
N LYS A 183 4.40 5.21 -2.68
CA LYS A 183 4.21 5.27 -1.23
C LYS A 183 3.00 4.44 -0.83
N ILE A 184 3.03 3.95 0.40
CA ILE A 184 1.86 3.33 0.98
C ILE A 184 0.88 4.43 1.37
N GLY A 185 -0.37 4.31 0.93
CA GLY A 185 -1.29 5.42 1.08
C GLY A 185 -2.58 5.15 1.85
N ASP A 186 -2.81 3.89 2.22
CA ASP A 186 -4.01 3.53 2.99
C ASP A 186 -3.65 2.62 4.16
N PHE A 187 -4.27 2.85 5.30
CA PHE A 187 -4.00 2.07 6.51
C PHE A 187 -5.29 1.63 7.19
N GLY A 188 -6.32 1.40 6.38
CA GLY A 188 -7.64 1.09 6.91
C GLY A 188 -7.74 -0.24 7.64
N MET A 189 -7.04 -1.25 7.15
CA MET A 189 -7.07 -2.57 7.78
C MET A 189 -6.37 -2.51 9.13
N ALA A 190 -5.21 -1.86 9.17
CA ALA A 190 -4.46 -1.74 10.41
C ALA A 190 -5.26 -0.94 11.43
N ARG A 191 -5.98 0.07 10.97
CA ARG A 191 -6.80 0.89 11.86
C ARG A 191 -7.92 0.04 12.45
N ASP A 192 -8.53 -0.80 11.62
CA ASP A 192 -9.62 -1.65 12.07
C ASP A 192 -9.14 -2.59 13.18
N ILE A 193 -7.96 -3.18 12.98
CA ILE A 193 -7.43 -4.12 13.96
C ILE A 193 -7.00 -3.42 15.23
N TYR A 194 -6.47 -2.21 15.11
CA TYR A 194 -6.14 -1.41 16.29
C TYR A 194 -7.43 -1.09 17.03
N ARG A 195 -8.51 -0.94 16.27
CA ARG A 195 -9.86 -0.69 16.79
C ARG A 195 -10.09 0.77 17.16
N ALA A 196 -10.06 1.62 16.24
N MET A 206 -14.85 -9.63 3.40
CA MET A 206 -14.10 -8.42 2.99
C MET A 206 -12.61 -8.53 3.30
N LEU A 207 -12.19 -9.68 3.82
CA LEU A 207 -10.79 -9.90 4.14
C LEU A 207 -9.96 -10.08 2.87
N PRO A 208 -8.77 -9.48 2.84
CA PRO A 208 -7.90 -9.54 1.66
C PRO A 208 -7.23 -10.90 1.54
N VAL A 209 -8.03 -11.95 1.45
CA VAL A 209 -7.49 -13.31 1.54
C VAL A 209 -6.41 -13.60 0.50
N LYS A 210 -6.55 -13.02 -0.68
CA LYS A 210 -5.60 -13.28 -1.76
C LYS A 210 -4.23 -12.66 -1.48
N TRP A 211 -4.15 -11.86 -0.42
CA TRP A 211 -2.89 -11.26 -0.01
C TRP A 211 -2.37 -11.82 1.32
N MET A 212 -3.05 -12.83 1.87
CA MET A 212 -2.71 -13.29 3.22
C MET A 212 -2.00 -14.64 3.25
N PRO A 213 -1.04 -14.81 4.18
CA PRO A 213 -0.33 -16.08 4.38
C PRO A 213 -1.19 -17.08 5.14
N PRO A 214 -0.82 -18.37 5.10
CA PRO A 214 -1.66 -19.41 5.70
C PRO A 214 -1.94 -19.24 7.19
N GLU A 215 -0.94 -18.82 7.95
CA GLU A 215 -1.13 -18.68 9.39
C GLU A 215 -2.07 -17.51 9.72
N ALA A 216 -2.23 -16.58 8.79
CA ALA A 216 -3.04 -15.40 9.02
C ALA A 216 -4.53 -15.73 8.96
N PHE A 217 -4.98 -16.34 7.87
CA PHE A 217 -6.39 -16.63 7.73
C PHE A 217 -6.79 -17.91 8.47
N MET A 218 -5.81 -18.70 8.89
CA MET A 218 -6.09 -19.91 9.66
C MET A 218 -6.12 -19.67 11.17
N GLU A 219 -5.01 -19.18 11.72
CA GLU A 219 -4.89 -18.98 13.17
C GLU A 219 -5.08 -17.52 13.56
N GLY A 220 -5.19 -16.65 12.56
CA GLY A 220 -5.30 -15.23 12.85
C GLY A 220 -4.05 -14.73 13.54
N ILE A 221 -2.92 -15.33 13.22
CA ILE A 221 -1.64 -14.87 13.72
C ILE A 221 -1.03 -13.87 12.74
N PHE A 222 -0.68 -12.69 13.23
CA PHE A 222 -0.04 -11.68 12.40
C PHE A 222 1.30 -11.26 12.98
N THR A 223 2.29 -11.14 12.09
CA THR A 223 3.61 -10.64 12.46
C THR A 223 4.11 -9.84 11.26
N SER A 224 5.36 -9.38 11.32
CA SER A 224 5.96 -8.68 10.19
C SER A 224 6.07 -9.59 8.96
N LYS A 225 6.15 -10.90 9.20
CA LYS A 225 6.25 -11.84 8.09
C LYS A 225 4.92 -11.98 7.36
N THR A 226 3.85 -11.48 7.99
CA THR A 226 2.57 -11.35 7.30
C THR A 226 2.73 -10.39 6.12
N ASP A 227 3.33 -9.24 6.39
CA ASP A 227 3.53 -8.23 5.35
C ASP A 227 4.52 -8.71 4.29
N THR A 228 5.50 -9.52 4.68
CA THR A 228 6.41 -10.09 3.68
C THR A 228 5.62 -10.91 2.65
N TRP A 229 4.73 -11.77 3.12
CA TRP A 229 3.92 -12.56 2.19
C TRP A 229 3.10 -11.65 1.26
N SER A 230 2.41 -10.69 1.86
CA SER A 230 1.61 -9.75 1.08
C SER A 230 2.48 -9.00 0.06
N PHE A 231 3.69 -8.63 0.46
CA PHE A 231 4.56 -7.93 -0.48
C PHE A 231 4.88 -8.79 -1.71
N GLY A 232 5.02 -10.09 -1.48
CA GLY A 232 5.20 -11.01 -2.59
C GLY A 232 4.06 -10.92 -3.58
N VAL A 233 2.83 -10.85 -3.06
CA VAL A 233 1.66 -10.75 -3.91
C VAL A 233 1.64 -9.40 -4.62
N LEU A 234 1.99 -8.32 -3.91
CA LEU A 234 2.13 -7.02 -4.56
C LEU A 234 3.16 -7.06 -5.69
N LEU A 235 4.29 -7.73 -5.44
CA LEU A 235 5.31 -7.88 -6.47
C LEU A 235 4.72 -8.53 -7.70
N TRP A 236 3.88 -9.55 -7.49
CA TRP A 236 3.21 -10.21 -8.60
C TRP A 236 2.28 -9.21 -9.31
N GLU A 237 1.54 -8.45 -8.53
CA GLU A 237 0.66 -7.42 -9.09
C GLU A 237 1.44 -6.46 -9.97
N ILE A 238 2.60 -6.05 -9.49
CA ILE A 238 3.41 -5.06 -10.20
C ILE A 238 3.94 -5.62 -11.52
N PHE A 239 4.51 -6.83 -11.48
CA PHE A 239 5.13 -7.35 -12.69
C PHE A 239 4.15 -8.01 -13.65
N SER A 240 2.92 -8.23 -13.19
CA SER A 240 1.83 -8.62 -14.08
C SER A 240 1.22 -7.39 -14.76
N LEU A 241 1.64 -6.21 -14.32
CA LEU A 241 1.05 -4.94 -14.78
C LEU A 241 -0.41 -4.79 -14.37
N GLY A 242 -0.73 -5.21 -13.15
CA GLY A 242 -2.02 -4.85 -12.58
C GLY A 242 -3.10 -5.91 -12.65
N TYR A 243 -2.73 -7.15 -12.92
CA TYR A 243 -3.69 -8.24 -12.87
C TYR A 243 -4.12 -8.57 -11.44
N MET A 244 -5.37 -9.01 -11.31
CA MET A 244 -5.84 -9.56 -10.04
C MET A 244 -5.10 -10.86 -9.76
N PRO A 245 -4.57 -11.02 -8.54
CA PRO A 245 -3.88 -12.25 -8.14
C PRO A 245 -4.72 -13.52 -8.29
N TYR A 246 -4.04 -14.64 -8.53
CA TYR A 246 -4.66 -15.94 -8.67
C TYR A 246 -5.79 -15.91 -9.68
N PRO A 247 -5.44 -15.62 -10.95
CA PRO A 247 -6.50 -15.44 -11.96
C PRO A 247 -7.47 -16.61 -12.01
N SER A 248 -8.76 -16.27 -12.05
CA SER A 248 -9.85 -17.24 -12.19
C SER A 248 -10.20 -17.93 -10.87
N LYS A 249 -9.45 -17.65 -9.81
CA LYS A 249 -9.74 -18.28 -8.52
C LYS A 249 -10.52 -17.37 -7.58
N SER A 250 -11.49 -17.96 -6.88
CA SER A 250 -12.24 -17.27 -5.85
C SER A 250 -11.47 -17.26 -4.54
N ASN A 251 -11.97 -16.52 -3.55
CA ASN A 251 -11.30 -16.42 -2.26
C ASN A 251 -11.08 -17.79 -1.62
N GLN A 252 -12.11 -18.61 -1.58
CA GLN A 252 -11.99 -19.92 -0.92
C GLN A 252 -11.07 -20.84 -1.71
N GLU A 253 -11.12 -20.73 -3.03
CA GLU A 253 -10.22 -21.53 -3.86
C GLU A 253 -8.77 -21.13 -3.61
N VAL A 254 -8.52 -19.83 -3.44
CA VAL A 254 -7.16 -19.39 -3.14
C VAL A 254 -6.75 -19.89 -1.75
N LEU A 255 -7.66 -19.78 -0.80
CA LEU A 255 -7.38 -20.25 0.55
C LEU A 255 -6.93 -21.71 0.54
N GLU A 256 -7.66 -22.56 -0.18
CA GLU A 256 -7.32 -23.98 -0.22
C GLU A 256 -6.07 -24.23 -1.05
N PHE A 257 -5.90 -23.45 -2.11
CA PHE A 257 -4.75 -23.55 -3.00
C PHE A 257 -3.46 -23.24 -2.22
N VAL A 258 -3.41 -22.06 -1.61
CA VAL A 258 -2.23 -21.62 -0.87
C VAL A 258 -1.92 -22.53 0.32
N THR A 259 -2.97 -22.98 1.01
CA THR A 259 -2.80 -23.79 2.19
C THR A 259 -2.18 -25.14 1.86
N SER A 260 -2.45 -25.65 0.66
CA SER A 260 -1.91 -26.93 0.23
C SER A 260 -0.60 -26.78 -0.53
N GLY A 261 -0.04 -25.56 -0.53
CA GLY A 261 1.27 -25.36 -1.11
C GLY A 261 1.28 -24.73 -2.49
N GLY A 262 0.10 -24.43 -3.01
CA GLY A 262 -0.01 -23.84 -4.33
C GLY A 262 0.51 -22.41 -4.36
N ARG A 263 1.19 -22.04 -5.44
CA ARG A 263 1.67 -20.68 -5.62
C ARG A 263 1.40 -20.20 -7.04
N MET A 264 1.28 -18.88 -7.20
CA MET A 264 1.10 -18.29 -8.52
C MET A 264 2.30 -18.57 -9.40
N ASP A 265 2.05 -18.72 -10.71
CA ASP A 265 3.09 -18.77 -11.72
C ASP A 265 3.71 -17.39 -11.89
N PRO A 266 4.88 -17.31 -12.54
CA PRO A 266 5.41 -15.97 -12.83
C PRO A 266 4.50 -15.18 -13.76
N PRO A 267 4.41 -13.87 -13.56
CA PRO A 267 3.75 -12.99 -14.54
C PRO A 267 4.41 -13.11 -15.90
N LYS A 268 3.68 -12.70 -16.94
CA LYS A 268 4.20 -12.78 -18.31
C LYS A 268 5.51 -12.01 -18.43
N ASN A 269 6.54 -12.68 -18.94
CA ASN A 269 7.87 -12.08 -19.18
C ASN A 269 8.64 -11.74 -17.91
N CYS A 270 8.17 -12.21 -16.75
CA CYS A 270 8.84 -11.89 -15.49
C CYS A 270 10.22 -12.56 -15.43
N PRO A 271 11.27 -11.76 -15.20
CA PRO A 271 12.62 -12.31 -15.00
C PRO A 271 12.68 -13.28 -13.82
N GLY A 272 13.45 -14.36 -14.00
CA GLY A 272 13.59 -15.35 -12.95
C GLY A 272 14.01 -14.80 -11.60
N PRO A 273 15.00 -13.89 -11.55
CA PRO A 273 15.44 -13.32 -10.28
C PRO A 273 14.31 -12.62 -9.52
N VAL A 274 13.40 -12.00 -10.25
CA VAL A 274 12.26 -11.31 -9.64
C VAL A 274 11.23 -12.33 -9.13
N TYR A 275 10.94 -13.33 -9.94
CA TYR A 275 10.00 -14.37 -9.53
C TYR A 275 10.51 -15.08 -8.27
N ARG A 276 11.82 -15.23 -8.16
CA ARG A 276 12.40 -15.90 -7.00
C ARG A 276 12.23 -15.10 -5.71
N ILE A 277 12.23 -13.78 -5.81
CA ILE A 277 11.86 -12.97 -4.65
C ILE A 277 10.42 -13.28 -4.23
N MET A 278 9.51 -13.38 -5.19
CA MET A 278 8.12 -13.70 -4.88
C MET A 278 8.03 -15.03 -4.15
N THR A 279 8.67 -16.04 -4.69
CA THR A 279 8.53 -17.38 -4.12
C THR A 279 9.15 -17.46 -2.73
N GLN A 280 10.16 -16.63 -2.45
CA GLN A 280 10.73 -16.55 -1.12
C GLN A 280 9.77 -15.86 -0.14
N CYS A 281 9.08 -14.82 -0.60
CA CYS A 281 8.07 -14.14 0.20
C CYS A 281 6.91 -15.07 0.57
N TRP A 282 6.67 -16.09 -0.26
CA TRP A 282 5.55 -17.01 -0.05
C TRP A 282 5.98 -18.34 0.58
N GLN A 283 7.08 -18.34 1.33
CA GLN A 283 7.45 -19.55 2.06
C GLN A 283 6.39 -19.88 3.10
N HIS A 284 6.04 -21.15 3.23
CA HIS A 284 4.97 -21.54 4.13
C HIS A 284 5.25 -21.12 5.57
N GLN A 285 6.47 -21.41 6.04
CA GLN A 285 6.89 -21.05 7.38
C GLN A 285 7.31 -19.60 7.43
N PRO A 286 6.68 -18.80 8.31
CA PRO A 286 7.06 -17.38 8.43
C PRO A 286 8.56 -17.18 8.63
N GLU A 287 9.20 -18.05 9.40
CA GLU A 287 10.62 -17.89 9.66
C GLU A 287 11.48 -18.10 8.42
N ASP A 288 10.92 -18.75 7.40
CA ASP A 288 11.67 -19.00 6.16
C ASP A 288 11.55 -17.85 5.17
N ARG A 289 10.71 -16.87 5.49
CA ARG A 289 10.52 -15.72 4.62
C ARG A 289 11.48 -14.60 5.00
N PRO A 290 11.96 -13.84 4.00
CA PRO A 290 12.95 -12.78 4.23
C PRO A 290 12.31 -11.59 4.92
N ASN A 291 13.07 -10.90 5.78
CA ASN A 291 12.62 -9.61 6.27
C ASN A 291 12.80 -8.58 5.15
N PHE A 292 12.41 -7.34 5.38
CA PHE A 292 12.40 -6.38 4.29
C PHE A 292 13.80 -5.86 3.95
N ALA A 293 14.72 -5.93 4.90
CA ALA A 293 16.11 -5.61 4.61
C ALA A 293 16.63 -6.52 3.50
N ILE A 294 16.36 -7.82 3.63
CA ILE A 294 16.79 -8.80 2.64
C ILE A 294 16.05 -8.60 1.32
N ILE A 295 14.74 -8.37 1.40
CA ILE A 295 13.97 -8.10 0.21
C ILE A 295 14.53 -6.91 -0.56
N LEU A 296 14.86 -5.83 0.14
CA LEU A 296 15.43 -4.65 -0.51
C LEU A 296 16.76 -4.98 -1.18
N GLU A 297 17.58 -5.78 -0.51
CA GLU A 297 18.86 -6.19 -1.06
C GLU A 297 18.67 -6.96 -2.37
N ARG A 298 17.66 -7.81 -2.41
CA ARG A 298 17.42 -8.66 -3.57
C ARG A 298 16.84 -7.84 -4.72
N ILE A 299 15.99 -6.87 -4.39
CA ILE A 299 15.46 -5.98 -5.40
C ILE A 299 16.59 -5.14 -5.99
N GLU A 300 17.50 -4.69 -5.14
CA GLU A 300 18.66 -3.93 -5.61
C GLU A 300 19.51 -4.74 -6.57
N TYR A 301 19.74 -6.00 -6.26
CA TYR A 301 20.53 -6.88 -7.11
C TYR A 301 19.87 -7.07 -8.47
N CYS A 302 18.54 -7.24 -8.47
CA CYS A 302 17.80 -7.35 -9.72
C CYS A 302 17.97 -6.09 -10.56
N THR A 303 18.00 -4.93 -9.92
CA THR A 303 18.04 -3.68 -10.66
C THR A 303 19.41 -3.50 -11.32
N GLN A 304 20.43 -4.13 -10.76
CA GLN A 304 21.79 -4.03 -11.30
C GLN A 304 21.97 -4.97 -12.48
N ASP A 305 21.16 -6.01 -12.52
CA ASP A 305 21.36 -7.14 -13.44
C ASP A 305 20.85 -6.78 -14.83
N PRO A 306 21.76 -6.64 -15.80
CA PRO A 306 21.34 -6.23 -17.14
C PRO A 306 20.30 -7.18 -17.75
N ASP A 307 20.44 -8.48 -17.47
CA ASP A 307 19.53 -9.46 -18.03
C ASP A 307 18.12 -9.29 -17.48
N VAL A 308 18.02 -8.74 -16.27
CA VAL A 308 16.72 -8.43 -15.70
C VAL A 308 16.14 -7.17 -16.34
N ILE A 309 16.87 -6.07 -16.28
CA ILE A 309 16.28 -4.80 -16.68
C ILE A 309 16.23 -4.61 -18.20
N ASN A 310 16.96 -5.45 -18.93
CA ASN A 310 16.87 -5.44 -20.39
C ASN A 310 15.70 -6.25 -20.93
N THR A 311 14.99 -6.94 -20.03
CA THR A 311 13.85 -7.74 -20.44
C THR A 311 12.67 -6.84 -20.80
N ALA A 312 12.11 -7.04 -22.00
CA ALA A 312 10.97 -6.25 -22.44
C ALA A 312 9.68 -6.73 -21.79
N LEU A 313 8.84 -5.79 -21.39
CA LEU A 313 7.52 -6.13 -20.88
C LEU A 313 6.64 -6.46 -22.06
N PRO A 314 5.60 -7.26 -21.83
CA PRO A 314 4.64 -7.59 -22.90
C PRO A 314 3.90 -6.35 -23.39
N ILE A 315 3.60 -6.34 -24.69
CA ILE A 315 2.76 -5.28 -25.25
C ILE A 315 1.41 -5.86 -25.65
N GLU A 316 0.35 -5.41 -24.99
CA GLU A 316 -0.98 -5.91 -25.30
C GLU A 316 -1.60 -5.09 -26.42
N TYR A 317 -2.42 -5.66 -27.18
C1 GWH B . -5.07 9.84 -2.34
C2 GWH B . -3.97 10.73 -2.24
N3 GWH B . -3.39 11.29 -3.36
C4 GWH B . -3.91 11.00 -4.59
C5 GWH B . -4.99 10.12 -4.82
C6 GWH B . -5.56 9.57 -3.65
O7 GWH B . -5.57 9.34 -1.15
N8 GWH B . -3.43 11.05 -0.99
C9 GWH B . -6.70 8.41 -1.10
C10 GWH B . -6.33 6.99 -1.56
C11 GWH B . -7.18 8.42 0.37
C12 GWH B . -7.07 6.25 -2.56
C13 GWH B . -6.65 4.93 -2.95
C14 GWH B . -5.51 4.33 -2.35
C15 GWH B . -4.79 5.05 -1.37
C16 GWH B . -5.18 6.35 -0.98
F17 GWH B . -3.71 4.50 -0.82
N18 GWH B . -8.22 6.76 -3.21
N19 GWH B . -8.23 6.99 -4.55
C20 GWH B . -9.47 7.45 -4.74
C21 GWH B . -10.15 7.48 -3.52
N22 GWH B . -9.36 7.03 -2.54
C23 GWH B . -5.51 9.83 -6.17
C24 GWH B . -5.39 10.77 -7.24
C25 GWH B . -5.87 10.49 -8.53
C26 GWH B . -6.50 9.23 -8.82
C27 GWH B . -6.63 8.28 -7.79
C28 GWH B . -6.14 8.57 -6.49
S29 GWH B . -5.68 11.70 -9.78
C30 GWH B . -7.22 11.78 -10.66
O31 GWH B . -5.51 12.99 -9.14
O32 GWH B . -4.66 11.18 -10.68
#